data_8QLH
#
_entry.id   8QLH
#
_cell.length_a   186.215
_cell.length_b   60.514
_cell.length_c   63.697
_cell.angle_alpha   90.000
_cell.angle_beta   96.230
_cell.angle_gamma   90.000
#
_symmetry.space_group_name_H-M   'C 1 2 1'
#
loop_
_entity.id
_entity.type
_entity.pdbx_description
1 polymer AliC
2 water water
#
_entity_poly.entity_id   1
_entity_poly.type   'polypeptide(L)'
_entity_poly.pdbx_seq_one_letter_code
;ASKSEKNADAPKTFSYVYAVDPSSLDYSLTSKSSTSDVIGNVVDGLLENDKYGNLIPSLAEDWSVSKDGLTYTYKLRKGV
KWYTSEGEEYAEVKAQDFVTGLKHAADGKSDGLSLVEKSIKGLEAYVSGETNDFSTVGVKALDDYTVEYTLNNPESFWNS
KVTTATMLPVNEEFLNATGKDYGAPTPSSILYNGPYFLKSLISKSVIEYEKNPNYWDKENVKIDNVKLTFYDGSDQESLI
RSFTQGAYTTARLFPASSNFESTKKEYGDKIVYSPQEATSYYLTVNVNRQSYNKTAKTDESQKTSTKEALLNKNFRQALN
FAFNRHAYTAQLNGEEGADKIIRNSLVPDNYVQVAGKTFGQLAQDELLKYGEQWKDVTLTDGKDTIYNPTKAKSAFEKAK
SELQAKGVSFPIHLDVPVEQTDVVAVQQTNSLKQSIEETLGTENVIIDVLQMTDNEKESITSQAKVPTQKDYDLNGTGWG
PDYQDPATYLNILDAKKGSALKHLGITKGKDPEVVAKVGLDEYKKLLDDAASETSNLDKRYEKYAKAQAWVTDSSLLIPV
ASSGGSPMVSRTVPFTKAYSQVGIKGDPFIFKGMELQNDIVTTKEYDAAFKKWQKEKLESNAQYQKDLEKHIK
;
_entity_poly.pdbx_strand_id   A
#
# COMPACT_ATOMS: atom_id res chain seq x y z
N ASP A 9 -17.91 -4.15 19.76
CA ASP A 9 -18.26 -5.56 19.46
C ASP A 9 -18.30 -5.72 17.94
N ALA A 10 -19.47 -5.92 17.34
CA ALA A 10 -19.60 -6.10 15.89
C ALA A 10 -21.07 -5.95 15.54
N PRO A 11 -21.41 -5.13 14.55
CA PRO A 11 -22.79 -4.90 14.19
C PRO A 11 -23.48 -6.17 13.69
N LYS A 12 -24.77 -6.27 13.96
CA LYS A 12 -25.58 -7.40 13.52
C LYS A 12 -26.79 -6.98 12.70
N THR A 13 -26.91 -5.70 12.36
CA THR A 13 -27.98 -5.21 11.50
C THR A 13 -27.35 -4.67 10.21
N PHE A 14 -27.93 -5.07 9.08
CA PHE A 14 -27.53 -4.56 7.77
C PHE A 14 -28.65 -3.67 7.24
N SER A 15 -28.29 -2.47 6.79
CA SER A 15 -29.27 -1.52 6.27
C SER A 15 -28.78 -1.00 4.93
N TYR A 16 -29.59 -1.18 3.89
CA TYR A 16 -29.29 -0.60 2.58
C TYR A 16 -30.59 -0.34 1.82
N VAL A 17 -30.60 -0.59 0.51
CA VAL A 17 -31.73 -0.25 -0.34
C VAL A 17 -32.04 -1.41 -1.27
N TYR A 18 -33.21 -1.35 -1.88
CA TYR A 18 -33.59 -2.19 -2.99
C TYR A 18 -34.36 -1.32 -3.98
N ALA A 19 -34.39 -1.75 -5.24
CA ALA A 19 -34.91 -0.92 -6.32
C ALA A 19 -36.13 -1.47 -7.04
N VAL A 20 -36.37 -2.78 -7.00
CA VAL A 20 -37.50 -3.38 -7.71
C VAL A 20 -38.30 -4.24 -6.74
N ASP A 21 -39.59 -3.93 -6.61
CA ASP A 21 -40.48 -4.72 -5.77
C ASP A 21 -40.67 -6.12 -6.35
N PRO A 22 -40.82 -7.13 -5.50
CA PRO A 22 -41.18 -8.47 -5.96
C PRO A 22 -42.67 -8.51 -6.32
N SER A 23 -42.96 -8.81 -7.58
CA SER A 23 -44.35 -8.99 -7.99
C SER A 23 -44.90 -10.33 -7.54
N SER A 24 -44.04 -11.27 -7.20
CA SER A 24 -44.44 -12.63 -6.84
C SER A 24 -43.36 -13.26 -5.97
N LEU A 25 -43.79 -14.11 -5.05
CA LEU A 25 -42.87 -14.92 -4.26
C LEU A 25 -42.84 -16.37 -4.72
N ASP A 26 -43.53 -16.70 -5.81
CA ASP A 26 -43.56 -18.06 -6.35
C ASP A 26 -42.28 -18.29 -7.15
N TYR A 27 -41.24 -18.77 -6.45
CA TYR A 27 -39.95 -18.99 -7.08
C TYR A 27 -40.00 -20.08 -8.14
N SER A 28 -40.94 -21.02 -8.01
CA SER A 28 -41.09 -22.06 -9.02
C SER A 28 -41.55 -21.48 -10.35
N LEU A 29 -42.33 -20.40 -10.32
CA LEU A 29 -42.99 -19.90 -11.52
C LEU A 29 -42.26 -18.75 -12.19
N THR A 30 -41.43 -18.01 -11.47
CA THR A 30 -40.67 -16.91 -12.08
C THR A 30 -39.25 -16.92 -11.54
N SER A 31 -38.32 -16.52 -12.40
CA SER A 31 -36.91 -16.43 -12.04
C SER A 31 -36.38 -15.01 -12.22
N LYS A 32 -37.25 -14.03 -12.39
CA LYS A 32 -36.82 -12.63 -12.38
C LYS A 32 -36.14 -12.33 -11.05
N SER A 33 -35.05 -11.56 -11.12
CA SER A 33 -34.22 -11.37 -9.93
C SER A 33 -34.93 -10.55 -8.86
N SER A 34 -35.96 -9.78 -9.23
CA SER A 34 -36.76 -9.09 -8.22
C SER A 34 -37.47 -10.05 -7.29
N THR A 35 -37.61 -11.32 -7.68
CA THR A 35 -38.12 -12.36 -6.80
C THR A 35 -36.99 -13.14 -6.14
N SER A 36 -35.98 -13.53 -6.93
CA SER A 36 -34.90 -14.38 -6.43
C SER A 36 -34.07 -13.69 -5.36
N ASP A 37 -33.95 -12.36 -5.43
CA ASP A 37 -33.18 -11.63 -4.42
C ASP A 37 -33.80 -11.77 -3.04
N VAL A 38 -35.12 -11.95 -2.98
CA VAL A 38 -35.78 -12.26 -1.72
C VAL A 38 -35.65 -13.75 -1.41
N ILE A 39 -35.94 -14.60 -2.39
CA ILE A 39 -36.08 -16.03 -2.13
C ILE A 39 -34.74 -16.65 -1.74
N GLY A 40 -33.64 -16.21 -2.36
CA GLY A 40 -32.33 -16.73 -2.03
C GLY A 40 -31.93 -16.60 -0.57
N ASN A 41 -32.59 -15.69 0.17
CA ASN A 41 -32.30 -15.51 1.59
C ASN A 41 -33.21 -16.33 2.49
N VAL A 42 -34.32 -16.87 1.99
CA VAL A 42 -35.35 -17.43 2.86
C VAL A 42 -35.73 -18.86 2.46
N VAL A 43 -35.31 -19.31 1.28
CA VAL A 43 -35.58 -20.67 0.83
C VAL A 43 -34.29 -21.31 0.35
N ASP A 44 -33.98 -22.48 0.89
CA ASP A 44 -32.77 -23.22 0.54
C ASP A 44 -33.05 -24.30 -0.48
N GLY A 45 -32.04 -24.59 -1.31
CA GLY A 45 -32.07 -25.68 -2.23
C GLY A 45 -31.07 -26.76 -1.88
N LEU A 46 -30.75 -27.59 -2.89
CA LEU A 46 -29.85 -28.72 -2.68
C LEU A 46 -28.43 -28.26 -2.35
N LEU A 47 -27.92 -27.29 -3.09
CA LEU A 47 -26.55 -26.81 -2.91
C LEU A 47 -26.56 -25.30 -2.70
N GLU A 48 -25.47 -24.81 -2.12
CA GLU A 48 -25.19 -23.39 -1.91
C GLU A 48 -23.88 -23.03 -2.63
N ASN A 49 -23.44 -21.79 -2.40
CA ASN A 49 -22.10 -21.33 -2.76
C ASN A 49 -21.40 -20.88 -1.49
N ASP A 50 -20.11 -21.20 -1.38
CA ASP A 50 -19.27 -20.65 -0.32
C ASP A 50 -18.73 -19.30 -0.78
N LYS A 51 -17.81 -18.71 -0.01
CA LYS A 51 -17.30 -17.39 -0.37
C LYS A 51 -16.39 -17.42 -1.60
N TYR A 52 -16.09 -18.60 -2.13
CA TYR A 52 -15.22 -18.76 -3.28
C TYR A 52 -15.95 -19.17 -4.54
N GLY A 53 -17.27 -19.29 -4.49
CA GLY A 53 -18.04 -19.75 -5.63
C GLY A 53 -18.29 -21.24 -5.68
N ASN A 54 -17.64 -22.03 -4.84
CA ASN A 54 -17.77 -23.48 -4.87
C ASN A 54 -19.18 -23.90 -4.46
N LEU A 55 -19.73 -24.86 -5.20
CA LEU A 55 -21.04 -25.42 -4.88
C LEU A 55 -20.90 -26.39 -3.71
N ILE A 56 -21.38 -25.98 -2.54
CA ILE A 56 -21.19 -26.71 -1.29
C ILE A 56 -22.53 -27.29 -0.84
N PRO A 57 -22.54 -28.26 0.08
CA PRO A 57 -23.82 -28.84 0.55
C PRO A 57 -24.76 -27.82 1.18
N SER A 58 -26.05 -27.93 0.86
CA SER A 58 -27.09 -27.08 1.46
C SER A 58 -28.15 -27.96 2.08
N LEU A 59 -29.30 -28.18 1.42
CA LEU A 59 -30.24 -29.14 1.99
C LEU A 59 -29.77 -30.57 1.75
N ALA A 60 -28.99 -30.77 0.69
CA ALA A 60 -28.34 -32.05 0.42
C ALA A 60 -27.01 -32.07 1.16
N GLU A 61 -26.89 -32.95 2.15
CA GLU A 61 -25.63 -33.01 2.89
C GLU A 61 -24.55 -33.72 2.11
N ASP A 62 -24.91 -34.49 1.08
CA ASP A 62 -23.96 -35.12 0.20
C ASP A 62 -24.65 -35.41 -1.12
N TRP A 63 -23.84 -35.60 -2.17
CA TRP A 63 -24.38 -35.86 -3.49
C TRP A 63 -23.40 -36.72 -4.29
N SER A 64 -23.94 -37.46 -5.24
CA SER A 64 -23.12 -38.31 -6.10
C SER A 64 -23.64 -38.24 -7.52
N VAL A 65 -22.78 -38.61 -8.47
CA VAL A 65 -23.14 -38.71 -9.88
C VAL A 65 -22.67 -40.08 -10.39
N SER A 66 -23.47 -40.71 -11.26
CA SER A 66 -23.12 -42.03 -11.76
C SER A 66 -21.88 -41.96 -12.66
N LYS A 67 -21.34 -43.14 -12.98
CA LYS A 67 -20.15 -43.21 -13.83
C LYS A 67 -20.41 -42.63 -15.21
N ASP A 68 -21.61 -42.82 -15.75
CA ASP A 68 -21.93 -42.27 -17.07
C ASP A 68 -22.35 -40.81 -17.03
N GLY A 69 -22.46 -40.21 -15.84
CA GLY A 69 -22.78 -38.81 -15.71
C GLY A 69 -24.24 -38.44 -15.88
N LEU A 70 -25.14 -39.41 -16.03
CA LEU A 70 -26.52 -39.11 -16.33
C LEU A 70 -27.41 -39.04 -15.11
N THR A 71 -26.98 -39.55 -13.96
CA THR A 71 -27.82 -39.67 -12.77
C THR A 71 -27.15 -38.97 -11.61
N TYR A 72 -27.85 -37.99 -11.04
CA TYR A 72 -27.38 -37.23 -9.89
C TYR A 72 -28.27 -37.55 -8.70
N THR A 73 -27.66 -37.92 -7.57
CA THR A 73 -28.40 -38.33 -6.39
C THR A 73 -27.97 -37.46 -5.22
N TYR A 74 -28.95 -36.92 -4.50
CA TYR A 74 -28.70 -35.97 -3.42
C TYR A 74 -29.27 -36.53 -2.12
N LYS A 75 -28.42 -36.60 -1.11
CA LYS A 75 -28.79 -37.09 0.23
C LYS A 75 -29.11 -35.89 1.11
N LEU A 76 -30.39 -35.73 1.40
CA LEU A 76 -30.85 -34.58 2.21
C LEU A 76 -30.47 -34.78 3.65
N ARG A 77 -30.36 -33.64 4.34
CA ARG A 77 -30.20 -33.54 5.82
C ARG A 77 -31.57 -33.87 6.40
N LYS A 78 -31.65 -34.39 7.62
CA LYS A 78 -32.94 -34.87 8.08
C LYS A 78 -33.72 -33.85 8.91
N GLY A 79 -33.06 -33.12 9.80
CA GLY A 79 -33.82 -32.33 10.75
C GLY A 79 -34.29 -30.97 10.27
N VAL A 80 -34.38 -30.75 8.96
CA VAL A 80 -34.75 -29.46 8.40
C VAL A 80 -36.26 -29.36 8.30
N LYS A 81 -36.81 -28.25 8.78
CA LYS A 81 -38.25 -28.03 8.82
C LYS A 81 -38.64 -26.86 7.94
N TRP A 82 -39.86 -26.94 7.40
CA TRP A 82 -40.51 -25.77 6.83
C TRP A 82 -41.14 -24.95 7.95
N TYR A 83 -41.02 -23.64 7.87
CA TYR A 83 -41.58 -22.73 8.85
C TYR A 83 -42.51 -21.73 8.16
N THR A 84 -43.57 -21.33 8.87
CA THR A 84 -44.51 -20.36 8.37
C THR A 84 -43.92 -18.95 8.42
N SER A 85 -44.64 -18.00 7.83
CA SER A 85 -44.37 -16.58 8.05
C SER A 85 -44.28 -16.25 9.53
N GLU A 86 -45.11 -16.88 10.36
CA GLU A 86 -45.19 -16.61 11.79
C GLU A 86 -44.07 -17.26 12.60
N GLY A 87 -43.27 -18.13 11.98
CA GLY A 87 -42.24 -18.85 12.70
C GLY A 87 -42.67 -20.17 13.27
N GLU A 88 -43.83 -20.69 12.89
CA GLU A 88 -44.33 -21.94 13.43
C GLU A 88 -43.91 -23.11 12.54
N GLU A 89 -43.49 -24.20 13.18
CA GLU A 89 -43.09 -25.39 12.44
C GLU A 89 -44.27 -25.94 11.64
N TYR A 90 -44.04 -26.14 10.34
CA TYR A 90 -45.07 -26.69 9.46
C TYR A 90 -44.88 -28.18 9.21
N ALA A 91 -43.77 -28.56 8.58
CA ALA A 91 -43.49 -29.96 8.32
C ALA A 91 -42.00 -30.11 8.02
N GLU A 92 -41.53 -31.36 7.98
CA GLU A 92 -40.09 -31.65 7.72
C GLU A 92 -39.82 -31.68 6.22
N VAL A 93 -38.76 -30.99 5.78
CA VAL A 93 -38.38 -30.96 4.38
C VAL A 93 -38.05 -32.39 3.93
N LYS A 94 -38.74 -32.87 2.91
CA LYS A 94 -38.54 -34.22 2.38
C LYS A 94 -38.14 -34.15 0.90
N ALA A 95 -37.68 -35.29 0.39
CA ALA A 95 -37.24 -35.34 -1.00
C ALA A 95 -38.38 -35.07 -1.97
N GLN A 96 -39.61 -35.44 -1.59
CA GLN A 96 -40.76 -35.24 -2.46
C GLN A 96 -41.01 -33.76 -2.73
N ASP A 97 -40.51 -32.87 -1.88
CA ASP A 97 -40.69 -31.44 -2.09
C ASP A 97 -39.96 -30.94 -3.32
N PHE A 98 -38.97 -31.69 -3.82
CA PHE A 98 -38.30 -31.33 -5.06
C PHE A 98 -39.04 -31.83 -6.29
N VAL A 99 -39.77 -32.94 -6.17
CA VAL A 99 -40.68 -33.33 -7.24
C VAL A 99 -41.83 -32.32 -7.35
N THR A 100 -42.33 -31.87 -6.20
CA THR A 100 -43.46 -30.93 -6.17
C THR A 100 -43.08 -29.60 -6.82
N GLY A 101 -41.92 -29.05 -6.45
CA GLY A 101 -41.52 -27.76 -7.00
C GLY A 101 -41.37 -27.79 -8.51
N LEU A 102 -40.67 -28.80 -9.04
CA LEU A 102 -40.48 -28.89 -10.48
C LEU A 102 -41.79 -29.20 -11.19
N LYS A 103 -42.65 -30.02 -10.59
CA LYS A 103 -43.97 -30.27 -11.17
C LYS A 103 -44.82 -29.00 -11.16
N HIS A 104 -44.66 -28.18 -10.12
CA HIS A 104 -45.38 -26.91 -10.07
C HIS A 104 -44.88 -25.96 -11.16
N ALA A 105 -43.58 -25.96 -11.42
CA ALA A 105 -43.03 -25.11 -12.47
C ALA A 105 -43.53 -25.51 -13.84
N ALA A 106 -43.74 -26.81 -14.07
CA ALA A 106 -44.27 -27.27 -15.34
C ALA A 106 -45.75 -26.98 -15.48
N ASP A 107 -46.54 -27.31 -14.45
CA ASP A 107 -47.99 -27.08 -14.52
C ASP A 107 -48.32 -25.59 -14.57
N GLY A 108 -47.53 -24.76 -13.90
CA GLY A 108 -47.77 -23.33 -13.83
C GLY A 108 -47.20 -22.50 -14.95
N LYS A 109 -46.61 -23.12 -15.97
CA LYS A 109 -46.10 -22.41 -17.16
C LYS A 109 -44.99 -21.43 -16.79
N SER A 110 -44.00 -21.92 -16.04
CA SER A 110 -42.99 -21.06 -15.47
C SER A 110 -42.00 -20.56 -16.52
N ASP A 111 -41.50 -19.35 -16.32
CA ASP A 111 -40.54 -18.74 -17.23
C ASP A 111 -39.10 -19.17 -16.98
N GLY A 112 -38.84 -19.84 -15.86
CA GLY A 112 -37.48 -20.26 -15.54
C GLY A 112 -37.17 -21.68 -15.94
N LEU A 113 -37.90 -22.22 -16.90
CA LEU A 113 -37.81 -23.65 -17.21
C LEU A 113 -36.78 -23.97 -18.29
N SER A 114 -36.33 -22.99 -19.07
CA SER A 114 -35.47 -23.26 -20.22
C SER A 114 -34.07 -23.68 -19.83
N LEU A 115 -33.67 -23.53 -18.56
CA LEU A 115 -32.35 -24.01 -18.16
C LEU A 115 -32.33 -25.54 -18.09
N VAL A 116 -33.42 -26.15 -17.67
CA VAL A 116 -33.47 -27.59 -17.41
C VAL A 116 -34.54 -28.31 -18.21
N GLU A 117 -35.26 -27.60 -19.08
CA GLU A 117 -36.34 -28.23 -19.83
C GLU A 117 -35.83 -29.37 -20.72
N LYS A 118 -34.68 -29.18 -21.37
CA LYS A 118 -34.15 -30.17 -22.29
C LYS A 118 -33.02 -31.00 -21.68
N SER A 119 -32.73 -30.80 -20.40
CA SER A 119 -31.72 -31.59 -19.69
C SER A 119 -32.34 -32.72 -18.89
N ILE A 120 -33.36 -32.41 -18.08
CA ILE A 120 -34.03 -33.42 -17.27
C ILE A 120 -34.86 -34.32 -18.18
N LYS A 121 -34.63 -35.63 -18.06
CA LYS A 121 -35.23 -36.59 -19.00
C LYS A 121 -36.75 -36.57 -18.92
N GLY A 122 -37.39 -36.52 -20.09
CA GLY A 122 -38.83 -36.52 -20.18
C GLY A 122 -39.52 -35.24 -19.76
N LEU A 123 -38.76 -34.24 -19.29
CA LEU A 123 -39.38 -32.99 -18.85
C LEU A 123 -39.91 -32.19 -20.03
N GLU A 124 -39.14 -32.11 -21.12
CA GLU A 124 -39.55 -31.34 -22.28
C GLU A 124 -40.85 -31.87 -22.86
N ALA A 125 -41.01 -33.19 -22.91
CA ALA A 125 -42.25 -33.79 -23.39
C ALA A 125 -43.41 -33.50 -22.46
N TYR A 126 -43.15 -33.36 -21.15
CA TYR A 126 -44.21 -33.05 -20.21
C TYR A 126 -44.68 -31.61 -20.33
N VAL A 127 -43.74 -30.67 -20.54
CA VAL A 127 -44.14 -29.28 -20.65
C VAL A 127 -44.83 -29.02 -22.00
N SER A 128 -44.42 -29.74 -23.05
CA SER A 128 -45.06 -29.55 -24.35
C SER A 128 -46.48 -30.09 -24.35
N GLY A 129 -46.74 -31.15 -23.58
CA GLY A 129 -48.08 -31.69 -23.45
C GLY A 129 -48.26 -33.06 -24.02
N GLU A 130 -47.21 -33.67 -24.58
CA GLU A 130 -47.33 -35.02 -25.11
C GLU A 130 -47.22 -36.09 -24.04
N THR A 131 -47.18 -35.69 -22.76
CA THR A 131 -47.49 -36.57 -21.65
C THR A 131 -48.17 -35.73 -20.57
N ASN A 132 -49.05 -36.39 -19.81
CA ASN A 132 -49.86 -35.71 -18.82
C ASN A 132 -49.56 -36.15 -17.39
N ASP A 133 -48.67 -37.11 -17.20
CA ASP A 133 -48.34 -37.62 -15.88
C ASP A 133 -46.84 -37.42 -15.61
N PHE A 134 -46.54 -36.92 -14.42
CA PHE A 134 -45.20 -36.47 -14.07
C PHE A 134 -44.25 -37.61 -13.74
N SER A 135 -44.76 -38.85 -13.70
CA SER A 135 -43.95 -40.04 -13.33
C SER A 135 -42.82 -40.29 -14.34
N THR A 136 -42.97 -39.80 -15.57
CA THR A 136 -41.99 -40.00 -16.63
C THR A 136 -40.81 -39.03 -16.54
N VAL A 137 -40.88 -38.03 -15.67
CA VAL A 137 -39.86 -36.99 -15.63
C VAL A 137 -38.73 -37.42 -14.70
N GLY A 138 -37.50 -37.11 -15.09
CA GLY A 138 -36.33 -37.56 -14.34
C GLY A 138 -36.05 -36.82 -13.05
N VAL A 139 -37.06 -36.72 -12.17
CA VAL A 139 -36.88 -36.28 -10.79
C VAL A 139 -37.67 -37.24 -9.91
N LYS A 140 -36.97 -37.91 -8.99
CA LYS A 140 -37.58 -38.93 -8.15
C LYS A 140 -37.17 -38.73 -6.70
N ALA A 141 -38.09 -39.04 -5.81
CA ALA A 141 -37.81 -39.18 -4.37
C ALA A 141 -37.68 -40.67 -4.08
N LEU A 142 -36.44 -41.16 -4.09
CA LEU A 142 -36.21 -42.58 -3.83
C LEU A 142 -36.60 -42.95 -2.41
N ASP A 143 -36.48 -42.01 -1.48
CA ASP A 143 -37.10 -42.11 -0.17
C ASP A 143 -37.33 -40.69 0.33
N ASP A 144 -37.65 -40.55 1.62
CA ASP A 144 -37.93 -39.24 2.17
C ASP A 144 -36.72 -38.32 2.16
N TYR A 145 -35.52 -38.83 1.89
CA TYR A 145 -34.31 -38.01 1.98
C TYR A 145 -33.34 -38.31 0.85
N THR A 146 -33.85 -38.67 -0.33
CA THR A 146 -32.99 -38.98 -1.47
C THR A 146 -33.67 -38.44 -2.72
N VAL A 147 -33.09 -37.39 -3.30
CA VAL A 147 -33.55 -36.83 -4.57
C VAL A 147 -32.63 -37.34 -5.67
N GLU A 148 -33.22 -37.84 -6.75
CA GLU A 148 -32.46 -38.39 -7.87
C GLU A 148 -32.91 -37.71 -9.15
N TYR A 149 -31.96 -37.12 -9.86
CA TYR A 149 -32.21 -36.50 -11.16
C TYR A 149 -31.56 -37.34 -12.25
N THR A 150 -32.29 -37.54 -13.35
CA THR A 150 -31.77 -38.24 -14.52
C THR A 150 -31.76 -37.26 -15.68
N LEU A 151 -30.61 -37.14 -16.34
CA LEU A 151 -30.43 -36.20 -17.44
C LEU A 151 -30.39 -36.95 -18.77
N ASN A 152 -30.63 -36.20 -19.85
CA ASN A 152 -30.54 -36.78 -21.19
C ASN A 152 -29.09 -36.98 -21.59
N ASN A 153 -28.23 -36.03 -21.24
CA ASN A 153 -26.82 -36.04 -21.61
C ASN A 153 -26.00 -35.63 -20.39
N PRO A 154 -24.74 -36.05 -20.32
CA PRO A 154 -23.88 -35.60 -19.23
C PRO A 154 -23.66 -34.09 -19.31
N GLU A 155 -23.66 -33.43 -18.14
CA GLU A 155 -23.54 -31.99 -18.05
C GLU A 155 -22.61 -31.68 -16.88
N SER A 156 -21.34 -31.36 -17.19
CA SER A 156 -20.39 -30.97 -16.15
C SER A 156 -20.83 -29.72 -15.40
N PHE A 157 -21.75 -28.93 -15.97
CA PHE A 157 -22.26 -27.72 -15.34
C PHE A 157 -23.66 -27.92 -14.74
N TRP A 158 -24.09 -29.17 -14.57
CA TRP A 158 -25.44 -29.43 -14.11
C TRP A 158 -25.67 -28.87 -12.71
N ASN A 159 -24.71 -29.10 -11.81
CA ASN A 159 -24.87 -28.66 -10.42
C ASN A 159 -24.99 -27.15 -10.33
N SER A 160 -24.43 -26.41 -11.29
CA SER A 160 -24.63 -24.98 -11.32
C SER A 160 -26.07 -24.58 -11.58
N LYS A 161 -26.91 -25.50 -12.05
CA LYS A 161 -28.32 -25.20 -12.30
C LYS A 161 -29.21 -25.47 -11.09
N VAL A 162 -28.74 -26.24 -10.10
CA VAL A 162 -29.60 -26.56 -8.96
C VAL A 162 -29.73 -25.44 -7.96
N THR A 163 -28.99 -24.34 -8.14
CA THR A 163 -29.14 -23.16 -7.30
C THR A 163 -29.97 -22.07 -7.96
N THR A 164 -30.75 -22.42 -8.97
CA THR A 164 -31.70 -21.49 -9.56
C THR A 164 -33.05 -21.61 -8.85
N ALA A 165 -33.86 -20.55 -8.97
CA ALA A 165 -35.15 -20.50 -8.31
C ALA A 165 -36.06 -21.63 -8.76
N THR A 166 -35.97 -22.03 -10.03
CA THR A 166 -36.85 -23.07 -10.55
C THR A 166 -36.63 -24.41 -9.85
N MET A 167 -35.44 -24.65 -9.31
CA MET A 167 -35.06 -25.95 -8.80
C MET A 167 -35.28 -26.09 -7.29
N LEU A 168 -35.93 -25.11 -6.66
CA LEU A 168 -36.09 -25.12 -5.22
C LEU A 168 -37.26 -26.02 -4.81
N PRO A 169 -37.23 -26.54 -3.58
CA PRO A 169 -38.31 -27.41 -3.13
C PRO A 169 -39.58 -26.64 -2.75
N VAL A 170 -40.71 -27.34 -2.86
CA VAL A 170 -42.01 -26.78 -2.51
C VAL A 170 -42.82 -27.86 -1.78
N ASN A 171 -43.44 -27.47 -0.66
CA ASN A 171 -44.28 -28.41 0.09
C ASN A 171 -45.65 -28.52 -0.56
N GLU A 172 -46.05 -29.75 -0.90
CA GLU A 172 -47.29 -29.95 -1.66
C GLU A 172 -48.52 -29.61 -0.82
N GLU A 173 -48.53 -29.97 0.46
CA GLU A 173 -49.70 -29.70 1.30
C GLU A 173 -49.98 -28.20 1.34
N PHE A 174 -48.94 -27.39 1.60
CA PHE A 174 -49.12 -25.95 1.65
C PHE A 174 -49.51 -25.38 0.28
N LEU A 175 -48.93 -25.93 -0.79
CA LEU A 175 -49.23 -25.44 -2.14
C LEU A 175 -50.71 -25.57 -2.47
N ASN A 176 -51.29 -26.75 -2.21
CA ASN A 176 -52.70 -26.95 -2.52
C ASN A 176 -53.62 -26.30 -1.50
N ALA A 177 -53.19 -26.21 -0.24
CA ALA A 177 -54.04 -25.60 0.78
C ALA A 177 -54.21 -24.11 0.54
N THR A 178 -53.14 -23.43 0.10
CA THR A 178 -53.21 -21.99 -0.16
C THR A 178 -53.72 -21.66 -1.56
N GLY A 179 -53.49 -22.56 -2.52
CA GLY A 179 -54.17 -22.46 -3.81
C GLY A 179 -53.78 -21.22 -4.60
N LYS A 180 -54.80 -20.47 -5.01
CA LYS A 180 -54.55 -19.30 -5.86
C LYS A 180 -53.72 -18.24 -5.15
N ASP A 181 -53.83 -18.13 -3.82
CA ASP A 181 -53.05 -17.16 -3.07
C ASP A 181 -51.59 -17.55 -2.91
N TYR A 182 -51.17 -18.71 -3.41
CA TYR A 182 -49.78 -19.11 -3.29
C TYR A 182 -48.89 -18.24 -4.15
N GLY A 183 -47.75 -17.82 -3.59
CA GLY A 183 -46.81 -16.98 -4.31
C GLY A 183 -47.20 -15.52 -4.43
N ALA A 184 -48.26 -15.09 -3.75
CA ALA A 184 -48.62 -13.68 -3.75
C ALA A 184 -47.52 -12.84 -3.09
N PRO A 185 -47.39 -11.57 -3.45
CA PRO A 185 -46.32 -10.75 -2.87
C PRO A 185 -46.59 -10.37 -1.42
N THR A 186 -46.81 -11.36 -0.57
CA THR A 186 -46.97 -11.20 0.87
C THR A 186 -46.29 -12.39 1.55
N PRO A 187 -45.69 -12.17 2.73
CA PRO A 187 -44.89 -13.25 3.35
C PRO A 187 -45.67 -14.49 3.73
N SER A 188 -46.99 -14.40 3.91
CA SER A 188 -47.77 -15.56 4.30
C SER A 188 -48.09 -16.50 3.15
N SER A 189 -47.58 -16.24 1.95
CA SER A 189 -47.95 -17.00 0.76
C SER A 189 -46.96 -18.11 0.40
N ILE A 190 -45.83 -18.21 1.12
CA ILE A 190 -44.84 -19.26 0.90
C ILE A 190 -44.39 -19.78 2.26
N LEU A 191 -43.62 -20.85 2.23
CA LEU A 191 -43.00 -21.42 3.42
C LEU A 191 -41.51 -21.17 3.41
N TYR A 192 -40.91 -21.29 4.59
CA TYR A 192 -39.53 -20.85 4.80
C TYR A 192 -38.71 -22.00 5.38
N ASN A 193 -37.53 -22.24 4.78
CA ASN A 193 -36.58 -23.17 5.34
C ASN A 193 -35.15 -22.66 5.26
N GLY A 194 -34.95 -21.39 4.85
CA GLY A 194 -33.64 -20.85 4.62
C GLY A 194 -33.10 -20.06 5.80
N PRO A 195 -32.00 -19.33 5.56
CA PRO A 195 -31.32 -18.63 6.67
C PRO A 195 -32.16 -17.55 7.34
N TYR A 196 -33.11 -16.95 6.62
CA TYR A 196 -33.86 -15.80 7.12
C TYR A 196 -35.36 -16.02 6.95
N PHE A 197 -36.12 -15.40 7.86
CA PHE A 197 -37.54 -15.18 7.66
C PHE A 197 -37.74 -13.85 6.94
N LEU A 198 -38.80 -13.78 6.14
CA LEU A 198 -39.22 -12.51 5.52
C LEU A 198 -40.20 -11.84 6.48
N LYS A 199 -39.72 -10.83 7.22
CA LYS A 199 -40.55 -10.22 8.25
C LYS A 199 -41.49 -9.15 7.69
N SER A 200 -41.00 -8.33 6.76
CA SER A 200 -41.83 -7.28 6.17
C SER A 200 -41.55 -7.20 4.68
N LEU A 201 -42.62 -7.05 3.91
CA LEU A 201 -42.52 -6.84 2.46
C LEU A 201 -43.64 -5.86 2.10
N ILE A 202 -43.34 -4.57 2.17
CA ILE A 202 -44.29 -3.51 1.88
C ILE A 202 -43.88 -2.87 0.56
N SER A 203 -44.80 -2.89 -0.40
CA SER A 203 -44.49 -2.49 -1.77
C SER A 203 -44.04 -1.03 -1.83
N LYS A 204 -42.92 -0.80 -2.52
CA LYS A 204 -42.33 0.54 -2.68
C LYS A 204 -42.04 1.18 -1.33
N SER A 205 -41.62 0.36 -0.36
CA SER A 205 -41.35 0.85 0.98
C SER A 205 -40.16 0.14 1.62
N VAL A 206 -40.32 -1.13 1.99
CA VAL A 206 -39.31 -1.81 2.79
C VAL A 206 -39.34 -3.31 2.52
N ILE A 207 -38.18 -3.94 2.65
CA ILE A 207 -38.03 -5.40 2.74
C ILE A 207 -37.20 -5.68 3.99
N GLU A 208 -37.70 -6.56 4.85
CA GLU A 208 -37.05 -6.85 6.12
C GLU A 208 -36.89 -8.35 6.31
N TYR A 209 -35.66 -8.78 6.59
CA TYR A 209 -35.35 -10.16 6.95
C TYR A 209 -34.89 -10.23 8.40
N GLU A 210 -35.26 -11.31 9.07
CA GLU A 210 -34.79 -11.61 10.41
C GLU A 210 -34.22 -13.02 10.39
N LYS A 211 -33.11 -13.20 11.12
CA LYS A 211 -32.45 -14.50 11.16
C LYS A 211 -33.39 -15.57 11.72
N ASN A 212 -33.43 -16.72 11.05
CA ASN A 212 -34.21 -17.86 11.50
C ASN A 212 -33.43 -18.61 12.57
N PRO A 213 -33.88 -18.59 13.83
CA PRO A 213 -33.08 -19.16 14.91
C PRO A 213 -33.01 -20.68 14.88
N ASN A 214 -33.84 -21.35 14.09
CA ASN A 214 -33.84 -22.80 14.00
C ASN A 214 -33.19 -23.31 12.73
N TYR A 215 -32.58 -22.42 11.95
CA TYR A 215 -31.92 -22.80 10.71
C TYR A 215 -30.84 -23.83 10.97
N TRP A 216 -30.70 -24.79 10.06
CA TRP A 216 -29.72 -25.85 10.26
C TRP A 216 -28.29 -25.31 10.26
N ASP A 217 -28.04 -24.24 9.50
CA ASP A 217 -26.72 -23.63 9.45
C ASP A 217 -26.72 -22.24 10.06
N LYS A 218 -27.33 -22.09 11.24
CA LYS A 218 -27.52 -20.78 11.85
C LYS A 218 -26.20 -20.12 12.24
N GLU A 219 -25.13 -20.89 12.43
CA GLU A 219 -23.86 -20.33 12.85
C GLU A 219 -23.14 -19.58 11.73
N ASN A 220 -23.48 -19.84 10.48
CA ASN A 220 -22.94 -19.09 9.36
C ASN A 220 -23.78 -17.87 9.02
N VAL A 221 -24.87 -17.65 9.74
CA VAL A 221 -25.71 -16.47 9.55
C VAL A 221 -25.27 -15.48 10.63
N LYS A 222 -24.41 -14.53 10.25
CA LYS A 222 -23.81 -13.62 11.21
C LYS A 222 -24.51 -12.27 11.28
N ILE A 223 -25.42 -11.99 10.36
CA ILE A 223 -26.22 -10.78 10.39
C ILE A 223 -27.62 -11.17 10.83
N ASP A 224 -28.11 -10.53 11.90
CA ASP A 224 -29.38 -10.91 12.51
C ASP A 224 -30.57 -10.25 11.82
N ASN A 225 -30.41 -9.00 11.38
CA ASN A 225 -31.49 -8.23 10.81
C ASN A 225 -31.03 -7.50 9.56
N VAL A 226 -31.87 -7.55 8.53
CA VAL A 226 -31.58 -6.91 7.25
C VAL A 226 -32.76 -6.02 6.88
N LYS A 227 -32.50 -4.75 6.63
CA LYS A 227 -33.54 -3.83 6.22
C LYS A 227 -33.13 -3.13 4.93
N LEU A 228 -34.01 -3.17 3.93
CA LEU A 228 -33.77 -2.56 2.63
C LEU A 228 -34.89 -1.56 2.35
N THR A 229 -34.58 -0.27 2.47
CA THR A 229 -35.51 0.77 2.11
C THR A 229 -35.65 0.88 0.59
N PHE A 230 -36.85 1.23 0.13
CA PHE A 230 -37.10 1.32 -1.30
C PHE A 230 -36.41 2.54 -1.90
N TYR A 231 -35.69 2.33 -3.01
CA TYR A 231 -34.91 3.36 -3.68
C TYR A 231 -35.39 3.50 -5.11
N ASP A 232 -35.99 4.66 -5.43
CA ASP A 232 -36.60 4.88 -6.73
C ASP A 232 -35.63 5.46 -7.76
N GLY A 233 -34.41 5.81 -7.37
CA GLY A 233 -33.48 6.45 -8.26
C GLY A 233 -33.71 7.93 -8.45
N SER A 234 -34.68 8.52 -7.73
CA SER A 234 -34.95 9.94 -7.87
C SER A 234 -33.83 10.78 -7.28
N ASP A 235 -33.17 10.29 -6.24
CA ASP A 235 -32.07 11.00 -5.58
C ASP A 235 -30.91 10.02 -5.44
N GLN A 236 -29.98 10.07 -6.39
CA GLN A 236 -28.78 9.23 -6.34
C GLN A 236 -27.93 9.50 -5.11
N GLU A 237 -28.00 10.70 -4.53
CA GLU A 237 -27.16 11.11 -3.42
C GLU A 237 -27.76 10.76 -2.07
N SER A 238 -28.99 10.22 -2.03
CA SER A 238 -29.56 9.81 -0.77
C SER A 238 -28.77 8.67 -0.13
N LEU A 239 -28.07 7.87 -0.94
CA LEU A 239 -27.35 6.73 -0.42
C LEU A 239 -26.09 7.15 0.31
N ILE A 240 -25.22 7.92 -0.34
CA ILE A 240 -24.01 8.37 0.34
C ILE A 240 -24.37 9.32 1.49
N ARG A 241 -25.47 10.06 1.37
CA ARG A 241 -25.94 10.87 2.49
C ARG A 241 -26.37 10.00 3.66
N SER A 242 -27.17 8.97 3.41
CA SER A 242 -27.63 8.10 4.50
C SER A 242 -26.46 7.34 5.11
N PHE A 243 -25.50 6.93 4.30
CA PHE A 243 -24.32 6.23 4.80
C PHE A 243 -23.50 7.13 5.72
N THR A 244 -23.38 8.41 5.38
CA THR A 244 -22.59 9.34 6.18
C THR A 244 -23.28 9.62 7.51
N GLN A 245 -24.61 9.66 7.53
CA GLN A 245 -25.35 9.77 8.78
C GLN A 245 -25.33 8.47 9.57
N GLY A 246 -24.86 7.37 8.99
CA GLY A 246 -24.85 6.08 9.65
C GLY A 246 -26.11 5.26 9.47
N ALA A 247 -26.99 5.64 8.55
CA ALA A 247 -28.24 4.92 8.36
C ALA A 247 -28.10 3.71 7.45
N TYR A 248 -27.14 3.72 6.54
CA TYR A 248 -26.89 2.60 5.65
C TYR A 248 -25.52 2.00 5.95
N THR A 249 -25.43 0.68 5.83
CA THR A 249 -24.17 0.00 6.02
C THR A 249 -23.23 0.23 4.84
N THR A 250 -23.79 0.43 3.64
CA THR A 250 -23.00 0.60 2.43
C THR A 250 -23.63 1.68 1.58
N ALA A 251 -22.91 2.14 0.56
CA ALA A 251 -23.44 3.18 -0.33
C ALA A 251 -22.75 3.10 -1.68
N ARG A 252 -23.53 2.93 -2.74
CA ARG A 252 -23.00 3.01 -4.08
C ARG A 252 -22.79 4.48 -4.46
N LEU A 253 -21.66 4.76 -5.09
CA LEU A 253 -21.37 6.08 -5.63
C LEU A 253 -21.48 6.04 -7.14
N PHE A 254 -21.83 7.19 -7.73
CA PHE A 254 -22.10 7.28 -9.15
C PHE A 254 -21.13 8.27 -9.79
N PRO A 255 -20.14 7.79 -10.54
CA PRO A 255 -19.06 8.68 -11.00
C PRO A 255 -19.52 9.78 -11.95
N ALA A 256 -20.69 9.65 -12.57
CA ALA A 256 -21.15 10.64 -13.54
C ALA A 256 -21.87 11.82 -12.88
N SER A 257 -22.35 11.68 -11.66
CA SER A 257 -23.13 12.73 -11.02
C SER A 257 -22.28 13.98 -10.78
N SER A 258 -22.96 15.13 -10.68
CA SER A 258 -22.29 16.42 -10.47
C SER A 258 -21.61 16.52 -9.11
N ASN A 259 -21.79 15.54 -8.24
CA ASN A 259 -21.34 15.60 -6.85
C ASN A 259 -20.26 14.58 -6.52
N PHE A 260 -19.84 13.78 -7.50
CA PHE A 260 -18.91 12.68 -7.25
C PHE A 260 -17.59 13.19 -6.68
N GLU A 261 -17.09 14.30 -7.23
CA GLU A 261 -15.77 14.78 -6.83
C GLU A 261 -15.76 15.24 -5.39
N SER A 262 -16.84 15.87 -4.94
CA SER A 262 -16.94 16.25 -3.53
C SER A 262 -16.99 15.02 -2.64
N THR A 263 -17.74 14.00 -3.06
CA THR A 263 -17.77 12.74 -2.33
C THR A 263 -16.37 12.12 -2.22
N LYS A 264 -15.61 12.24 -3.31
CA LYS A 264 -14.24 11.68 -3.41
C LYS A 264 -13.31 12.34 -2.38
N LYS A 265 -13.40 13.65 -2.19
CA LYS A 265 -12.50 14.31 -1.25
C LYS A 265 -12.96 14.12 0.20
N GLU A 266 -14.26 13.92 0.43
CA GLU A 266 -14.73 13.63 1.78
C GLU A 266 -14.26 12.24 2.25
N TYR A 267 -14.20 11.27 1.35
CA TYR A 267 -13.83 9.90 1.70
C TYR A 267 -12.49 9.49 1.10
N GLY A 268 -11.69 10.45 0.66
CA GLY A 268 -10.39 10.16 0.09
C GLY A 268 -9.26 10.40 1.08
N ASP A 269 -8.06 9.98 0.66
CA ASP A 269 -6.88 10.11 1.50
C ASP A 269 -6.58 11.58 1.79
N LYS A 270 -6.24 11.87 3.04
CA LYS A 270 -5.96 13.23 3.47
C LYS A 270 -4.59 13.40 4.09
N ILE A 271 -3.79 12.34 4.19
CA ILE A 271 -2.45 12.45 4.78
C ILE A 271 -1.47 12.86 3.69
N VAL A 272 -0.68 13.89 3.97
CA VAL A 272 0.30 14.40 3.02
C VAL A 272 1.64 14.50 3.74
N TYR A 273 2.71 14.35 2.95
CA TYR A 273 4.07 14.44 3.47
C TYR A 273 4.64 15.78 3.02
N SER A 274 5.03 16.60 3.99
CA SER A 274 5.59 17.91 3.68
C SER A 274 6.79 17.77 2.75
N PRO A 275 7.07 18.79 1.93
CA PRO A 275 8.22 18.70 1.02
C PRO A 275 9.52 18.59 1.80
N GLN A 276 10.51 17.97 1.18
CA GLN A 276 11.83 17.84 1.80
C GLN A 276 12.46 19.22 1.99
N GLU A 277 13.23 19.35 3.07
CA GLU A 277 13.83 20.61 3.49
C GLU A 277 15.36 20.55 3.36
N ALA A 278 16.02 21.62 3.81
CA ALA A 278 17.41 21.90 3.44
C ALA A 278 18.46 21.18 4.29
N THR A 279 18.10 20.58 5.41
CA THR A 279 19.06 19.82 6.21
C THR A 279 19.33 18.47 5.52
N SER A 280 20.61 18.15 5.34
CA SER A 280 21.05 16.93 4.68
C SER A 280 21.72 16.00 5.68
N TYR A 281 21.27 14.75 5.74
CA TYR A 281 21.81 13.73 6.62
C TYR A 281 22.65 12.76 5.81
N TYR A 282 23.76 12.33 6.41
CA TYR A 282 24.72 11.49 5.71
C TYR A 282 25.49 10.68 6.72
N LEU A 283 26.23 9.69 6.22
CA LEU A 283 27.11 8.89 7.05
C LEU A 283 28.55 9.33 6.84
N THR A 284 29.27 9.54 7.94
CA THR A 284 30.67 9.97 7.88
C THR A 284 31.58 8.76 8.05
N VAL A 285 32.44 8.54 7.07
CA VAL A 285 33.40 7.44 7.10
C VAL A 285 34.64 7.91 7.86
N ASN A 286 34.94 7.26 8.98
CA ASN A 286 36.14 7.58 9.75
C ASN A 286 37.33 6.97 9.05
N VAL A 287 38.10 7.80 8.33
CA VAL A 287 39.27 7.35 7.59
C VAL A 287 40.55 7.56 8.37
N ASN A 288 40.46 7.91 9.65
CA ASN A 288 41.63 8.21 10.47
C ASN A 288 41.33 7.99 11.94
N ARG A 289 40.87 6.80 12.29
CA ARG A 289 40.43 6.48 13.63
C ARG A 289 41.63 6.04 14.48
N GLN A 290 41.75 6.64 15.67
CA GLN A 290 42.78 6.22 16.62
C GLN A 290 42.18 6.13 18.02
N SER A 291 40.92 5.73 18.11
CA SER A 291 40.27 5.46 19.37
C SER A 291 39.40 4.23 19.22
N TYR A 292 39.72 3.17 19.96
CA TYR A 292 39.07 1.87 19.81
C TYR A 292 38.47 1.38 21.13
N ASN A 293 37.96 2.30 21.95
CA ASN A 293 37.36 1.91 23.22
C ASN A 293 36.01 1.23 23.04
N LYS A 294 35.40 1.35 21.87
CA LYS A 294 34.11 0.72 21.58
C LYS A 294 34.21 0.12 20.17
N THR A 295 34.70 -1.12 20.10
CA THR A 295 34.85 -1.82 18.84
C THR A 295 34.57 -3.30 19.06
N ALA A 296 34.15 -3.97 17.99
CA ALA A 296 33.99 -5.42 18.01
C ALA A 296 35.23 -6.14 17.48
N LYS A 297 36.16 -5.43 16.87
CA LYS A 297 37.39 -6.04 16.42
C LYS A 297 38.19 -6.58 17.59
N THR A 298 38.89 -7.69 17.35
CA THR A 298 39.75 -8.31 18.36
C THR A 298 41.22 -8.13 18.05
N ASP A 299 41.64 -8.44 16.82
CA ASP A 299 43.03 -8.33 16.42
C ASP A 299 43.39 -6.88 16.10
N GLU A 300 44.70 -6.63 16.06
CA GLU A 300 45.20 -5.47 15.32
C GLU A 300 45.17 -5.71 13.82
N SER A 301 45.23 -6.98 13.41
CA SER A 301 45.07 -7.33 12.01
C SER A 301 43.72 -6.90 11.47
N GLN A 302 42.70 -6.83 12.34
CA GLN A 302 41.38 -6.36 11.92
C GLN A 302 41.31 -4.84 11.91
N LYS A 303 41.89 -4.19 12.92
CA LYS A 303 41.94 -2.74 12.92
C LYS A 303 42.74 -2.21 11.74
N THR A 304 43.88 -2.85 11.44
CA THR A 304 44.71 -2.41 10.32
C THR A 304 43.98 -2.56 8.99
N SER A 305 43.47 -3.78 8.71
CA SER A 305 42.74 -4.06 7.49
C SER A 305 41.51 -3.18 7.32
N THR A 306 40.85 -2.81 8.42
CA THR A 306 39.73 -1.87 8.31
C THR A 306 40.22 -0.46 7.96
N LYS A 307 41.30 -0.01 8.61
CA LYS A 307 41.83 1.32 8.34
C LYS A 307 42.25 1.47 6.88
N GLU A 308 42.93 0.46 6.34
CA GLU A 308 43.31 0.52 4.93
C GLU A 308 42.09 0.41 4.02
N ALA A 309 41.11 -0.39 4.41
CA ALA A 309 39.91 -0.55 3.57
C ALA A 309 39.14 0.76 3.45
N LEU A 310 39.01 1.51 4.55
CA LEU A 310 38.23 2.74 4.50
C LEU A 310 38.94 3.85 3.73
N LEU A 311 40.27 3.78 3.62
CA LEU A 311 41.01 4.72 2.77
C LEU A 311 40.87 4.40 1.29
N ASN A 312 40.34 3.23 0.94
CA ASN A 312 40.19 2.83 -0.46
C ASN A 312 38.88 3.40 -1.00
N LYS A 313 38.94 4.10 -2.13
CA LYS A 313 37.75 4.74 -2.67
C LYS A 313 36.76 3.72 -3.23
N ASN A 314 37.28 2.66 -3.88
CA ASN A 314 36.40 1.61 -4.37
C ASN A 314 35.65 0.94 -3.23
N PHE A 315 36.30 0.79 -2.08
CA PHE A 315 35.64 0.17 -0.93
C PHE A 315 34.56 1.09 -0.35
N ARG A 316 34.82 2.40 -0.31
CA ARG A 316 33.79 3.33 0.15
C ARG A 316 32.64 3.40 -0.84
N GLN A 317 32.95 3.30 -2.14
CA GLN A 317 31.89 3.30 -3.14
C GLN A 317 31.09 2.01 -3.07
N ALA A 318 31.74 0.88 -2.77
CA ALA A 318 31.01 -0.37 -2.62
C ALA A 318 30.04 -0.31 -1.45
N LEU A 319 30.47 0.26 -0.32
CA LEU A 319 29.56 0.54 0.79
C LEU A 319 28.42 1.45 0.35
N ASN A 320 28.74 2.47 -0.44
CA ASN A 320 27.73 3.44 -0.88
C ASN A 320 26.67 2.79 -1.75
N PHE A 321 27.10 2.02 -2.76
CA PHE A 321 26.16 1.39 -3.69
C PHE A 321 25.38 0.25 -3.04
N ALA A 322 25.86 -0.27 -1.92
CA ALA A 322 25.24 -1.42 -1.27
C ALA A 322 24.18 -1.02 -0.24
N PHE A 323 24.06 0.27 0.06
CA PHE A 323 23.21 0.75 1.15
C PHE A 323 21.81 1.01 0.63
N ASN A 324 20.84 0.24 1.12
CA ASN A 324 19.44 0.40 0.72
C ASN A 324 18.82 1.53 1.52
N ARG A 325 18.59 2.68 0.85
CA ARG A 325 18.08 3.86 1.56
C ARG A 325 16.60 3.70 1.89
N HIS A 326 15.83 3.11 0.97
CA HIS A 326 14.40 2.94 1.20
C HIS A 326 14.13 2.11 2.44
N ALA A 327 14.87 1.02 2.63
CA ALA A 327 14.67 0.20 3.83
C ALA A 327 15.11 0.94 5.09
N TYR A 328 16.14 1.79 4.99
CA TYR A 328 16.62 2.54 6.14
C TYR A 328 15.61 3.62 6.53
N THR A 329 15.14 4.39 5.56
CA THR A 329 14.11 5.39 5.86
C THR A 329 12.70 4.81 5.90
N ALA A 330 12.55 3.50 5.80
CA ALA A 330 11.19 3.01 6.02
C ALA A 330 11.01 2.81 7.52
N GLN A 331 12.10 2.74 8.25
CA GLN A 331 12.01 2.55 9.70
C GLN A 331 11.70 3.85 10.40
N LEU A 332 12.00 5.01 9.81
CA LEU A 332 11.75 6.24 10.58
C LEU A 332 10.44 6.85 10.15
N ASN A 333 10.24 6.87 8.86
CA ASN A 333 8.98 7.42 8.34
C ASN A 333 8.09 6.22 8.06
N GLY A 334 7.13 6.40 7.21
CA GLY A 334 6.33 5.25 6.85
C GLY A 334 7.00 4.42 5.77
N GLU A 335 6.40 3.26 5.50
CA GLU A 335 6.72 2.61 4.23
C GLU A 335 6.21 3.44 3.06
N GLU A 336 5.07 4.12 3.24
CA GLU A 336 4.60 5.09 2.27
C GLU A 336 5.35 6.41 2.34
N GLY A 337 6.07 6.67 3.43
CA GLY A 337 6.88 7.87 3.57
C GLY A 337 8.36 7.65 3.41
N ALA A 338 8.80 6.43 3.06
CA ALA A 338 10.23 6.12 3.01
C ALA A 338 10.93 6.91 1.91
N ASP A 339 10.33 6.98 0.73
CA ASP A 339 10.96 7.74 -0.36
C ASP A 339 10.80 9.24 -0.16
N LYS A 340 9.88 9.67 0.70
CA LYS A 340 9.58 11.08 0.86
C LYS A 340 10.70 11.85 1.55
N ILE A 341 11.73 11.18 2.07
CA ILE A 341 12.85 11.87 2.72
C ILE A 341 14.20 11.51 2.14
N ILE A 342 14.27 10.72 1.08
CA ILE A 342 15.57 10.29 0.56
C ILE A 342 16.23 11.42 -0.21
N ARG A 343 17.53 11.61 0.04
CA ARG A 343 18.34 12.58 -0.68
C ARG A 343 19.65 11.90 -1.09
N ASN A 344 20.06 12.08 -2.35
CA ASN A 344 21.26 11.46 -2.88
C ASN A 344 22.42 12.42 -3.01
N SER A 345 22.31 13.63 -2.47
CA SER A 345 23.33 14.65 -2.59
C SER A 345 23.62 15.24 -1.22
N LEU A 346 24.55 16.19 -1.19
CA LEU A 346 24.75 17.04 -0.03
C LEU A 346 24.01 18.36 -0.22
N VAL A 347 24.34 19.09 -1.28
CA VAL A 347 23.53 20.26 -1.64
C VAL A 347 22.21 19.78 -2.23
N PRO A 348 21.06 20.29 -1.77
CA PRO A 348 19.80 19.92 -2.41
C PRO A 348 19.81 20.26 -3.89
N ASP A 349 19.14 19.41 -4.68
CA ASP A 349 18.97 19.59 -6.11
C ASP A 349 18.69 21.04 -6.53
N ASN A 350 17.63 21.63 -5.98
CA ASN A 350 17.16 22.95 -6.41
C ASN A 350 17.61 24.06 -5.46
N TYR A 351 18.69 23.86 -4.70
CA TYR A 351 19.11 24.86 -3.74
C TYR A 351 19.44 26.18 -4.44
N VAL A 352 20.15 26.11 -5.58
CA VAL A 352 20.32 27.26 -6.48
C VAL A 352 20.11 26.77 -7.90
N GLN A 353 20.11 27.71 -8.84
CA GLN A 353 19.93 27.36 -10.24
C GLN A 353 20.63 28.38 -11.13
N VAL A 354 20.87 27.99 -12.37
CA VAL A 354 21.46 28.88 -13.39
C VAL A 354 20.72 28.57 -14.68
N ALA A 355 20.09 29.58 -15.28
CA ALA A 355 19.41 29.42 -16.58
C ALA A 355 18.38 28.30 -16.56
N GLY A 356 17.62 28.14 -15.49
CA GLY A 356 16.56 27.11 -15.44
C GLY A 356 17.04 25.69 -15.13
N LYS A 357 18.34 25.51 -14.97
CA LYS A 357 19.00 24.22 -14.66
C LYS A 357 19.32 24.21 -13.17
N THR A 358 18.87 23.19 -12.46
CA THR A 358 19.09 23.12 -11.00
C THR A 358 20.52 22.72 -10.70
N PHE A 359 20.95 23.01 -9.50
CA PHE A 359 22.31 22.68 -9.09
C PHE A 359 22.58 21.18 -9.21
N GLY A 360 21.60 20.35 -8.88
CA GLY A 360 21.76 18.91 -9.04
C GLY A 360 21.94 18.50 -10.49
N GLN A 361 21.30 19.25 -11.39
CA GLN A 361 21.42 19.02 -12.85
C GLN A 361 22.87 19.35 -13.25
N LEU A 362 23.43 20.44 -12.70
CA LEU A 362 24.81 20.80 -12.97
C LEU A 362 25.78 19.78 -12.38
N ALA A 363 25.51 19.35 -11.14
CA ALA A 363 26.41 18.42 -10.45
C ALA A 363 26.41 17.06 -11.13
N GLN A 364 25.26 16.61 -11.61
CA GLN A 364 25.18 15.32 -12.30
C GLN A 364 26.01 15.34 -13.58
N ASP A 365 26.00 16.47 -14.30
CA ASP A 365 26.77 16.61 -15.53
C ASP A 365 28.28 16.54 -15.28
N GLU A 366 28.72 16.86 -14.07
CA GLU A 366 30.12 16.75 -13.70
C GLU A 366 30.46 15.39 -13.07
N LEU A 367 29.46 14.54 -12.84
CA LEU A 367 29.69 13.33 -12.06
C LEU A 367 30.21 12.16 -12.90
N LEU A 368 29.74 12.02 -14.14
CA LEU A 368 30.12 10.86 -14.94
C LEU A 368 31.60 10.86 -15.35
N LYS A 369 32.29 12.01 -15.21
CA LYS A 369 33.75 12.02 -15.41
C LYS A 369 34.44 11.00 -14.53
N TYR A 370 33.90 10.75 -13.34
CA TYR A 370 34.55 9.91 -12.34
C TYR A 370 34.38 8.42 -12.60
N GLY A 371 33.54 8.03 -13.53
CA GLY A 371 33.46 6.64 -13.94
C GLY A 371 32.06 6.23 -14.30
N GLU A 372 31.97 5.12 -15.03
CA GLU A 372 30.73 4.54 -15.51
C GLU A 372 29.81 4.14 -14.36
N GLN A 373 30.38 3.94 -13.17
CA GLN A 373 29.56 3.53 -12.03
C GLN A 373 28.56 4.62 -11.65
N TRP A 374 28.77 5.85 -12.11
CA TRP A 374 27.86 6.95 -11.82
C TRP A 374 26.83 7.15 -12.91
N LYS A 375 26.75 6.22 -13.87
CA LYS A 375 25.69 6.23 -14.87
C LYS A 375 24.33 6.11 -14.19
N ASP A 376 23.39 6.97 -14.60
CA ASP A 376 22.00 7.02 -14.13
C ASP A 376 21.85 7.49 -12.69
N VAL A 377 22.93 7.92 -12.04
CA VAL A 377 22.85 8.47 -10.70
C VAL A 377 22.46 9.94 -10.82
N THR A 378 21.27 10.28 -10.35
CA THR A 378 20.79 11.65 -10.29
C THR A 378 20.92 12.16 -8.86
N LEU A 379 21.38 13.40 -8.71
CA LEU A 379 21.66 13.97 -7.39
C LEU A 379 20.42 14.74 -6.90
N THR A 380 19.32 14.00 -6.81
CA THR A 380 17.99 14.55 -6.63
C THR A 380 17.41 14.09 -5.30
N ASP A 381 16.21 14.59 -5.03
CA ASP A 381 15.42 14.21 -3.86
C ASP A 381 14.28 13.29 -4.28
N GLY A 382 13.92 12.36 -3.40
CA GLY A 382 12.68 11.62 -3.49
C GLY A 382 12.85 10.14 -3.79
N LYS A 383 13.93 9.78 -4.49
CA LYS A 383 14.11 8.34 -4.84
C LYS A 383 15.60 7.96 -4.79
N ASP A 384 15.89 6.84 -4.11
CA ASP A 384 17.25 6.32 -4.02
C ASP A 384 17.76 5.99 -5.42
N THR A 385 18.75 6.75 -5.89
CA THR A 385 19.40 6.49 -7.16
C THR A 385 20.79 5.91 -7.01
N ILE A 386 21.29 5.80 -5.78
CA ILE A 386 22.63 5.29 -5.55
C ILE A 386 22.64 3.79 -5.33
N TYR A 387 21.66 3.26 -4.60
CA TYR A 387 21.65 1.85 -4.22
C TYR A 387 21.60 0.97 -5.47
N ASN A 388 22.63 0.14 -5.63
CA ASN A 388 22.75 -0.74 -6.77
C ASN A 388 23.64 -1.92 -6.38
N PRO A 389 23.06 -3.08 -6.08
CA PRO A 389 23.89 -4.22 -5.67
C PRO A 389 24.86 -4.69 -6.75
N THR A 390 24.49 -4.59 -8.02
CA THR A 390 25.40 -4.94 -9.10
C THR A 390 26.62 -4.01 -9.11
N LYS A 391 26.38 -2.70 -9.01
CA LYS A 391 27.49 -1.75 -8.95
C LYS A 391 28.31 -1.93 -7.67
N ALA A 392 27.66 -2.34 -6.58
CA ALA A 392 28.36 -2.50 -5.31
C ALA A 392 29.31 -3.68 -5.36
N LYS A 393 28.90 -4.79 -6.00
CA LYS A 393 29.77 -5.94 -6.13
C LYS A 393 30.91 -5.66 -7.10
N SER A 394 30.62 -4.92 -8.18
CA SER A 394 31.68 -4.56 -9.12
C SER A 394 32.70 -3.63 -8.46
N ALA A 395 32.22 -2.71 -7.61
CA ALA A 395 33.14 -1.83 -6.91
C ALA A 395 33.98 -2.58 -5.89
N PHE A 396 33.37 -3.56 -5.20
CA PHE A 396 34.08 -4.27 -4.14
C PHE A 396 35.16 -5.18 -4.71
N GLU A 397 34.90 -5.83 -5.84
CA GLU A 397 35.92 -6.71 -6.42
C GLU A 397 37.16 -5.92 -6.82
N LYS A 398 36.98 -4.70 -7.32
CA LYS A 398 38.12 -3.82 -7.57
C LYS A 398 38.85 -3.47 -6.27
N ALA A 399 38.09 -3.18 -5.21
CA ALA A 399 38.71 -2.91 -3.91
C ALA A 399 39.37 -4.15 -3.34
N LYS A 400 38.77 -5.31 -3.56
CA LYS A 400 39.32 -6.55 -3.01
C LYS A 400 40.73 -6.80 -3.52
N SER A 401 40.94 -6.65 -4.83
CA SER A 401 42.25 -6.93 -5.40
C SER A 401 43.30 -5.91 -4.96
N GLU A 402 42.91 -4.63 -4.90
CA GLU A 402 43.84 -3.59 -4.43
C GLU A 402 44.26 -3.86 -3.00
N LEU A 403 43.30 -4.20 -2.13
CA LEU A 403 43.63 -4.41 -0.73
C LEU A 403 44.36 -5.74 -0.53
N GLN A 404 43.94 -6.80 -1.24
CA GLN A 404 44.59 -8.10 -1.07
C GLN A 404 46.08 -8.05 -1.44
N ALA A 405 46.46 -7.14 -2.32
CA ALA A 405 47.87 -6.92 -2.62
C ALA A 405 48.58 -6.12 -1.53
N LYS A 406 47.86 -5.67 -0.51
CA LYS A 406 48.42 -4.94 0.62
C LYS A 406 48.26 -5.70 1.94
N GLY A 407 48.14 -7.03 1.89
CA GLY A 407 48.03 -7.82 3.10
C GLY A 407 46.75 -7.61 3.89
N VAL A 408 45.71 -7.08 3.27
CA VAL A 408 44.44 -6.83 3.96
C VAL A 408 43.68 -8.13 4.12
N SER A 409 43.06 -8.30 5.29
CA SER A 409 42.36 -9.52 5.65
C SER A 409 40.85 -9.28 5.66
N PHE A 410 40.10 -10.24 5.08
CA PHE A 410 38.66 -10.17 4.95
C PHE A 410 37.97 -11.23 5.82
N PRO A 411 36.75 -10.97 6.33
CA PRO A 411 35.93 -9.76 6.14
C PRO A 411 36.43 -8.50 6.84
N ILE A 412 36.01 -7.34 6.34
CA ILE A 412 36.28 -6.06 6.98
C ILE A 412 35.19 -5.79 8.01
N HIS A 413 35.61 -5.48 9.24
CA HIS A 413 34.70 -5.21 10.34
C HIS A 413 34.51 -3.70 10.50
N LEU A 414 33.24 -3.28 10.59
CA LEU A 414 32.90 -1.86 10.65
C LEU A 414 32.02 -1.60 11.87
N ASP A 415 32.54 -0.82 12.82
CA ASP A 415 31.79 -0.48 14.01
C ASP A 415 30.84 0.67 13.73
N VAL A 416 29.58 0.50 14.08
CA VAL A 416 28.57 1.55 13.94
C VAL A 416 27.82 1.67 15.26
N PRO A 417 28.08 2.70 16.06
CA PRO A 417 27.38 2.84 17.34
C PRO A 417 25.99 3.41 17.14
N VAL A 418 25.12 3.10 18.11
CA VAL A 418 23.74 3.56 18.08
C VAL A 418 23.23 3.56 19.52
N GLU A 419 22.35 4.51 19.82
CA GLU A 419 21.75 4.60 21.15
C GLU A 419 20.71 3.50 21.32
N GLN A 420 20.93 2.60 22.28
CA GLN A 420 20.05 1.44 22.46
C GLN A 420 18.62 1.87 22.75
N THR A 421 18.44 2.95 23.50
CA THR A 421 17.10 3.39 23.90
C THR A 421 16.36 4.11 22.78
N ASP A 422 16.98 4.32 21.63
CA ASP A 422 16.32 4.93 20.46
C ASP A 422 15.91 3.79 19.54
N VAL A 423 14.62 3.42 19.59
CA VAL A 423 14.14 2.25 18.87
C VAL A 423 14.32 2.43 17.36
N VAL A 424 13.94 3.60 16.84
CA VAL A 424 14.02 3.83 15.41
C VAL A 424 15.47 3.79 14.92
N ALA A 425 16.38 4.44 15.66
CA ALA A 425 17.78 4.44 15.28
C ALA A 425 18.36 3.02 15.29
N VAL A 426 17.94 2.20 16.25
CA VAL A 426 18.39 0.81 16.26
C VAL A 426 17.86 0.09 15.02
N GLN A 427 16.55 0.18 14.77
CA GLN A 427 15.97 -0.47 13.59
C GLN A 427 16.64 0.04 12.31
N GLN A 428 16.97 1.32 12.25
CA GLN A 428 17.59 1.88 11.05
C GLN A 428 19.00 1.33 10.86
N THR A 429 19.79 1.30 11.93
CA THR A 429 21.16 0.79 11.83
C THR A 429 21.16 -0.71 11.55
N ASN A 430 20.21 -1.45 12.12
CA ASN A 430 20.13 -2.88 11.82
C ASN A 430 19.82 -3.10 10.35
N SER A 431 19.02 -2.21 9.76
CA SER A 431 18.73 -2.30 8.33
C SER A 431 19.93 -1.93 7.49
N LEU A 432 20.78 -1.03 8.00
CA LEU A 432 22.03 -0.70 7.34
C LEU A 432 22.96 -1.89 7.31
N LYS A 433 23.14 -2.56 8.45
CA LYS A 433 23.89 -3.81 8.51
C LYS A 433 23.28 -4.86 7.59
N GLN A 434 21.95 -4.93 7.53
CA GLN A 434 21.30 -5.93 6.70
C GLN A 434 21.60 -5.70 5.22
N SER A 435 21.32 -4.49 4.72
CA SER A 435 21.42 -4.27 3.28
C SER A 435 22.85 -4.41 2.78
N ILE A 436 23.82 -3.94 3.57
CA ILE A 436 25.22 -3.98 3.15
C ILE A 436 25.75 -5.40 3.17
N GLU A 437 25.44 -6.16 4.23
CA GLU A 437 25.91 -7.54 4.31
C GLU A 437 25.21 -8.44 3.31
N GLU A 438 23.93 -8.18 3.02
CA GLU A 438 23.23 -8.95 1.99
C GLU A 438 23.85 -8.71 0.61
N THR A 439 24.21 -7.46 0.32
CA THR A 439 24.74 -7.11 -0.99
C THR A 439 26.18 -7.60 -1.16
N LEU A 440 27.04 -7.31 -0.20
CA LEU A 440 28.47 -7.62 -0.33
C LEU A 440 28.83 -9.01 0.16
N GLY A 441 27.95 -9.67 0.92
CA GLY A 441 28.28 -10.96 1.50
C GLY A 441 29.06 -10.82 2.79
N THR A 442 28.70 -11.62 3.80
CA THR A 442 29.29 -11.48 5.13
C THR A 442 30.72 -12.00 5.21
N GLU A 443 31.19 -12.77 4.24
CA GLU A 443 32.59 -13.13 4.20
C GLU A 443 33.47 -11.97 3.75
N ASN A 444 32.87 -10.88 3.27
CA ASN A 444 33.57 -9.71 2.78
C ASN A 444 33.48 -8.52 3.73
N VAL A 445 32.26 -8.18 4.17
CA VAL A 445 32.03 -7.04 5.05
C VAL A 445 31.08 -7.46 6.16
N ILE A 446 31.35 -6.99 7.37
CA ILE A 446 30.49 -7.22 8.53
C ILE A 446 30.26 -5.89 9.23
N ILE A 447 29.01 -5.47 9.33
CA ILE A 447 28.64 -4.23 9.99
C ILE A 447 28.35 -4.55 11.46
N ASP A 448 29.23 -4.12 12.35
CA ASP A 448 29.10 -4.43 13.77
C ASP A 448 28.30 -3.31 14.43
N VAL A 449 27.02 -3.56 14.67
CA VAL A 449 26.14 -2.60 15.33
C VAL A 449 26.35 -2.68 16.83
N LEU A 450 26.84 -1.60 17.43
CA LEU A 450 27.14 -1.56 18.86
C LEU A 450 26.09 -0.68 19.53
N GLN A 451 25.14 -1.31 20.22
CA GLN A 451 24.12 -0.59 20.96
C GLN A 451 24.66 -0.17 22.33
N MET A 452 24.30 1.03 22.77
CA MET A 452 24.89 1.61 23.97
C MET A 452 23.98 2.72 24.50
N THR A 453 24.37 3.34 25.62
CA THR A 453 23.53 4.35 26.23
C THR A 453 23.55 5.63 25.40
N ASP A 454 22.63 6.54 25.74
CA ASP A 454 22.59 7.86 25.12
C ASP A 454 23.93 8.56 25.22
N ASN A 455 24.56 8.51 26.40
CA ASN A 455 25.72 9.35 26.63
C ASN A 455 26.99 8.77 26.00
N GLU A 456 27.19 7.45 26.03
CA GLU A 456 28.42 6.93 25.43
C GLU A 456 28.38 7.02 23.91
N LYS A 457 27.21 6.81 23.30
CA LYS A 457 27.07 7.12 21.89
C LYS A 457 27.37 8.59 21.64
N GLU A 458 26.82 9.47 22.48
CA GLU A 458 27.08 10.89 22.38
C GLU A 458 28.53 11.23 22.72
N SER A 459 29.14 10.50 23.67
CA SER A 459 30.50 10.79 24.08
C SER A 459 31.54 10.42 23.03
N ILE A 460 31.23 9.49 22.12
CA ILE A 460 32.17 9.08 21.08
C ILE A 460 31.81 9.64 19.72
N THR A 461 30.70 10.38 19.62
CA THR A 461 30.34 11.00 18.35
C THR A 461 30.17 12.51 18.49
N SER A 462 29.00 12.96 18.96
CA SER A 462 28.66 14.37 18.81
C SER A 462 29.35 15.28 19.83
N GLN A 463 29.65 14.80 21.04
CA GLN A 463 30.46 15.57 21.98
C GLN A 463 31.88 15.04 22.11
N ALA A 464 32.39 14.43 21.04
CA ALA A 464 33.81 14.10 20.92
C ALA A 464 34.41 15.04 19.89
N LYS A 465 34.57 16.30 20.35
CA LYS A 465 35.11 17.41 19.52
C LYS A 465 36.48 17.01 18.99
N VAL A 466 37.39 16.61 19.90
CA VAL A 466 38.72 16.20 19.44
C VAL A 466 38.57 15.04 18.44
N PRO A 467 39.15 15.14 17.25
CA PRO A 467 39.00 14.05 16.26
C PRO A 467 39.58 12.74 16.74
N THR A 468 40.65 12.78 17.53
CA THR A 468 41.27 11.56 18.05
C THR A 468 40.37 10.80 19.02
N GLN A 469 39.23 11.38 19.40
CA GLN A 469 38.28 10.71 20.27
C GLN A 469 37.12 10.09 19.51
N LYS A 470 36.96 10.40 18.22
CA LYS A 470 35.91 9.81 17.41
C LYS A 470 36.09 8.30 17.33
N ASP A 471 35.22 7.55 18.01
CA ASP A 471 35.37 6.11 18.18
C ASP A 471 34.30 5.40 17.37
N TYR A 472 34.53 5.28 16.06
CA TYR A 472 33.61 4.59 15.16
C TYR A 472 34.27 4.44 13.80
N ASP A 473 33.63 3.66 12.94
CA ASP A 473 33.97 3.58 11.53
C ASP A 473 32.95 4.26 10.64
N LEU A 474 31.67 4.18 10.99
CA LEU A 474 30.60 4.93 10.34
C LEU A 474 29.71 5.54 11.40
N ASN A 475 29.21 6.75 11.13
CA ASN A 475 28.26 7.39 12.03
C ASN A 475 27.38 8.36 11.23
N GLY A 476 26.12 8.47 11.64
CA GLY A 476 25.20 9.38 10.98
C GLY A 476 25.21 10.76 11.63
N THR A 477 25.15 11.78 10.77
CA THR A 477 25.03 13.17 11.22
C THR A 477 24.39 13.97 10.09
N GLY A 478 24.23 15.27 10.31
CA GLY A 478 23.56 16.12 9.36
C GLY A 478 24.17 17.50 9.30
N TRP A 479 23.68 18.29 8.35
CA TRP A 479 24.15 19.67 8.19
C TRP A 479 23.10 20.48 7.44
N GLY A 480 22.80 21.67 7.94
CA GLY A 480 21.89 22.58 7.28
C GLY A 480 22.56 23.88 6.87
N PRO A 481 21.88 24.65 6.03
CA PRO A 481 22.51 25.84 5.44
C PRO A 481 22.40 27.08 6.30
N ASP A 482 23.28 28.04 6.00
CA ASP A 482 23.23 29.35 6.63
C ASP A 482 23.12 30.50 5.66
N TYR A 483 23.38 30.28 4.37
CA TYR A 483 23.21 31.32 3.35
C TYR A 483 22.92 30.65 2.02
N GLN A 484 22.32 31.42 1.11
CA GLN A 484 21.79 30.89 -0.15
C GLN A 484 22.91 30.75 -1.19
N ASP A 485 23.82 29.82 -0.91
CA ASP A 485 24.94 29.54 -1.80
C ASP A 485 25.37 28.10 -1.55
N PRO A 486 25.80 27.36 -2.57
CA PRO A 486 26.24 25.97 -2.32
C PRO A 486 27.41 25.88 -1.35
N ALA A 487 28.21 26.94 -1.20
CA ALA A 487 29.38 26.87 -0.33
C ALA A 487 29.00 26.60 1.12
N THR A 488 27.78 26.97 1.54
CA THR A 488 27.38 26.75 2.92
C THR A 488 27.38 25.26 3.27
N TYR A 489 27.12 24.41 2.27
CA TYR A 489 27.26 22.96 2.40
C TYR A 489 28.69 22.51 2.08
N LEU A 490 29.20 22.94 0.92
CA LEU A 490 30.41 22.34 0.39
C LEU A 490 31.67 22.73 1.15
N ASN A 491 31.62 23.76 1.99
CA ASN A 491 32.78 24.18 2.75
C ASN A 491 33.07 23.29 3.95
N ILE A 492 32.17 22.37 4.29
CA ILE A 492 32.40 21.56 5.49
C ILE A 492 33.52 20.56 5.29
N LEU A 493 33.92 20.27 4.05
CA LEU A 493 35.05 19.40 3.78
C LEU A 493 36.32 20.15 3.42
N ASP A 494 36.35 21.47 3.66
CA ASP A 494 37.55 22.25 3.38
C ASP A 494 38.72 21.74 4.21
N ALA A 495 39.86 21.53 3.55
CA ALA A 495 41.00 20.89 4.18
C ALA A 495 41.51 21.67 5.40
N LYS A 496 41.35 23.00 5.45
CA LYS A 496 41.93 23.76 6.55
C LYS A 496 40.89 24.26 7.54
N LYS A 497 39.65 24.54 7.12
CA LYS A 497 38.63 25.03 8.04
C LYS A 497 37.33 24.23 8.09
N GLY A 498 37.19 23.21 7.26
CA GLY A 498 35.93 22.47 7.19
C GLY A 498 35.51 21.80 8.48
N SER A 499 34.27 22.05 8.91
CA SER A 499 33.81 21.55 10.21
C SER A 499 33.56 20.05 10.20
N ALA A 500 33.39 19.44 9.03
CA ALA A 500 33.08 18.03 8.93
C ALA A 500 34.31 17.14 8.94
N LEU A 501 35.52 17.72 8.98
CA LEU A 501 36.72 16.90 8.95
C LEU A 501 36.89 16.10 10.23
N LYS A 502 36.47 16.65 11.37
CA LYS A 502 36.60 15.90 12.63
C LYS A 502 35.75 14.64 12.63
N HIS A 503 34.64 14.63 11.89
CA HIS A 503 33.83 13.42 11.79
C HIS A 503 34.50 12.34 10.97
N LEU A 504 35.44 12.71 10.10
CA LEU A 504 36.23 11.74 9.36
C LEU A 504 37.53 11.40 10.07
N GLY A 505 37.72 11.89 11.28
CA GLY A 505 38.94 11.66 12.04
C GLY A 505 40.10 12.56 11.67
N ILE A 506 39.84 13.62 10.92
CA ILE A 506 40.87 14.47 10.36
C ILE A 506 40.85 15.80 11.09
N THR A 507 42.01 16.23 11.60
CA THR A 507 42.10 17.53 12.25
C THR A 507 42.39 18.62 11.23
N LYS A 508 41.87 19.83 11.52
CA LYS A 508 41.77 20.90 10.52
C LYS A 508 43.12 21.30 9.93
N GLY A 509 44.20 21.21 10.70
CA GLY A 509 45.47 21.70 10.21
C GLY A 509 46.53 20.65 9.96
N LYS A 510 46.28 19.44 10.44
CA LYS A 510 47.26 18.35 10.34
C LYS A 510 46.83 17.34 9.29
N ASP A 511 47.38 16.14 9.41
CA ASP A 511 47.04 15.04 8.52
C ASP A 511 47.07 15.42 7.03
N PRO A 512 48.19 15.94 6.53
CA PRO A 512 48.34 16.02 5.07
C PRO A 512 48.49 14.64 4.47
N GLU A 513 49.01 13.70 5.25
CA GLU A 513 49.04 12.29 4.87
C GLU A 513 47.66 11.78 4.51
N VAL A 514 46.70 11.93 5.42
CA VAL A 514 45.36 11.38 5.22
C VAL A 514 44.57 12.23 4.23
N VAL A 515 44.77 13.55 4.25
CA VAL A 515 44.07 14.43 3.32
C VAL A 515 44.43 14.09 1.88
N ALA A 516 45.70 13.81 1.62
CA ALA A 516 46.13 13.44 0.28
C ALA A 516 45.60 12.07 -0.12
N LYS A 517 45.49 11.14 0.83
CA LYS A 517 45.05 9.79 0.50
C LYS A 517 43.60 9.77 0.03
N VAL A 518 42.72 10.50 0.72
CA VAL A 518 41.32 10.57 0.34
C VAL A 518 41.04 11.65 -0.69
N GLY A 519 42.07 12.43 -1.09
CA GLY A 519 41.92 13.40 -2.15
C GLY A 519 41.32 14.72 -1.76
N LEU A 520 41.24 15.03 -0.46
CA LEU A 520 40.67 16.29 -0.02
C LEU A 520 41.51 17.49 -0.45
N ASP A 521 42.75 17.27 -0.88
CA ASP A 521 43.55 18.37 -1.42
C ASP A 521 43.07 18.76 -2.81
N GLU A 522 42.72 17.78 -3.64
CA GLU A 522 42.10 18.09 -4.93
C GLU A 522 40.76 18.78 -4.73
N TYR A 523 40.01 18.37 -3.71
CA TYR A 523 38.75 19.04 -3.39
C TYR A 523 39.00 20.48 -2.96
N LYS A 524 40.09 20.73 -2.24
CA LYS A 524 40.41 22.08 -1.78
C LYS A 524 40.62 23.02 -2.96
N LYS A 525 41.32 22.56 -4.00
CA LYS A 525 41.48 23.37 -5.20
C LYS A 525 40.14 23.65 -5.88
N LEU A 526 39.21 22.68 -5.85
CA LEU A 526 37.89 22.91 -6.41
C LEU A 526 37.12 23.96 -5.60
N LEU A 527 37.28 23.95 -4.28
CA LEU A 527 36.59 24.92 -3.43
C LEU A 527 37.06 26.34 -3.72
N ASP A 528 38.38 26.53 -3.81
CA ASP A 528 38.93 27.86 -3.98
C ASP A 528 38.64 28.41 -5.37
N ASP A 529 38.71 27.56 -6.40
CA ASP A 529 38.37 28.02 -7.74
C ASP A 529 36.91 28.46 -7.82
N ALA A 530 36.03 27.75 -7.11
CA ALA A 530 34.63 28.17 -7.05
C ALA A 530 34.46 29.43 -6.22
N ALA A 531 35.12 29.50 -5.07
CA ALA A 531 35.03 30.68 -4.22
C ALA A 531 35.56 31.92 -4.90
N SER A 532 36.46 31.78 -5.86
CA SER A 532 37.03 32.95 -6.52
C SER A 532 35.99 33.69 -7.36
N GLU A 533 34.94 33.00 -7.80
CA GLU A 533 33.89 33.63 -8.61
C GLU A 533 32.95 34.39 -7.68
N THR A 534 33.15 35.70 -7.61
CA THR A 534 32.39 36.59 -6.74
C THR A 534 31.17 37.22 -7.41
N SER A 535 31.10 37.22 -8.73
CA SER A 535 30.06 37.92 -9.46
C SER A 535 29.35 37.03 -10.46
N ASN A 536 30.09 36.27 -11.27
CA ASN A 536 29.51 35.42 -12.30
C ASN A 536 28.82 34.22 -11.64
N LEU A 537 27.49 34.26 -11.57
CA LEU A 537 26.75 33.16 -10.96
C LEU A 537 26.84 31.88 -11.78
N ASP A 538 26.92 32.00 -13.11
CA ASP A 538 27.01 30.83 -13.96
C ASP A 538 28.32 30.08 -13.71
N LYS A 539 29.45 30.79 -13.76
CA LYS A 539 30.73 30.15 -13.48
C LYS A 539 30.80 29.69 -12.03
N ARG A 540 30.25 30.46 -11.11
CA ARG A 540 30.33 30.09 -9.69
C ARG A 540 29.61 28.78 -9.42
N TYR A 541 28.37 28.67 -9.88
CA TYR A 541 27.57 27.48 -9.56
C TYR A 541 28.03 26.28 -10.36
N GLU A 542 28.56 26.50 -11.57
CA GLU A 542 29.19 25.41 -12.31
C GLU A 542 30.36 24.84 -11.53
N LYS A 543 31.21 25.73 -10.98
CA LYS A 543 32.40 25.26 -10.27
C LYS A 543 32.07 24.60 -8.94
N TYR A 544 31.03 25.08 -8.23
CA TYR A 544 30.64 24.37 -7.02
C TYR A 544 29.98 23.04 -7.35
N ALA A 545 29.31 22.94 -8.50
CA ALA A 545 28.76 21.65 -8.91
C ALA A 545 29.86 20.64 -9.14
N LYS A 546 31.02 21.09 -9.62
CA LYS A 546 32.20 20.23 -9.69
C LYS A 546 32.62 19.75 -8.31
N ALA A 547 32.50 20.62 -7.30
CA ALA A 547 32.83 20.20 -5.95
C ALA A 547 31.84 19.16 -5.44
N GLN A 548 30.55 19.36 -5.71
CA GLN A 548 29.55 18.39 -5.26
C GLN A 548 29.78 17.04 -5.93
N ALA A 549 30.16 17.04 -7.20
CA ALA A 549 30.47 15.79 -7.88
C ALA A 549 31.64 15.08 -7.19
N TRP A 550 32.64 15.84 -6.76
CA TRP A 550 33.75 15.23 -6.01
C TRP A 550 33.26 14.60 -4.71
N VAL A 551 32.35 15.27 -3.99
CA VAL A 551 31.82 14.72 -2.74
C VAL A 551 31.09 13.41 -3.01
N THR A 552 30.21 13.41 -4.01
CA THR A 552 29.47 12.20 -4.38
C THR A 552 30.41 11.05 -4.71
N ASP A 553 31.47 11.34 -5.47
CA ASP A 553 32.41 10.30 -5.87
C ASP A 553 33.27 9.86 -4.71
N SER A 554 33.70 10.80 -3.86
CA SER A 554 34.55 10.48 -2.72
C SER A 554 33.92 9.45 -1.80
N SER A 555 32.59 9.48 -1.66
CA SER A 555 31.84 8.62 -0.72
C SER A 555 32.38 8.73 0.69
N LEU A 556 32.91 9.89 1.05
CA LEU A 556 33.25 10.17 2.45
C LEU A 556 32.00 10.55 3.24
N LEU A 557 31.02 11.12 2.55
CA LEU A 557 29.79 11.61 3.15
C LEU A 557 28.65 10.90 2.42
N ILE A 558 28.46 9.63 2.73
CA ILE A 558 27.45 8.80 2.07
C ILE A 558 26.07 9.34 2.37
N PRO A 559 25.37 9.88 1.37
CA PRO A 559 24.09 10.55 1.63
C PRO A 559 23.01 9.58 2.05
N VAL A 560 22.09 10.07 2.88
CA VAL A 560 21.01 9.24 3.40
C VAL A 560 19.66 9.91 3.13
N ALA A 561 19.44 11.07 3.73
CA ALA A 561 18.08 11.61 3.79
C ALA A 561 18.13 13.12 3.99
N SER A 562 16.95 13.72 3.98
CA SER A 562 16.78 15.14 4.27
C SER A 562 15.82 15.31 5.45
N SER A 563 15.69 16.57 5.89
CA SER A 563 14.63 16.93 6.81
C SER A 563 13.33 17.09 6.03
N GLY A 564 12.26 17.44 6.74
CA GLY A 564 11.00 17.46 6.04
C GLY A 564 10.47 16.04 5.82
N GLY A 565 9.57 15.92 4.85
CA GLY A 565 8.96 14.64 4.56
C GLY A 565 8.08 14.08 5.65
N SER A 566 7.65 14.90 6.61
CA SER A 566 6.84 14.39 7.72
C SER A 566 5.37 14.31 7.32
N PRO A 567 4.68 13.24 7.69
CA PRO A 567 3.24 13.16 7.40
C PRO A 567 2.46 14.14 8.26
N MET A 568 1.34 14.60 7.70
CA MET A 568 0.52 15.59 8.39
C MET A 568 -0.87 15.61 7.75
N VAL A 569 -1.80 16.24 8.47
CA VAL A 569 -3.10 16.64 7.96
C VAL A 569 -3.26 18.11 8.27
N SER A 570 -4.01 18.82 7.42
CA SER A 570 -4.07 20.27 7.57
C SER A 570 -5.27 20.82 6.84
N ARG A 571 -5.78 21.94 7.37
CA ARG A 571 -6.72 22.83 6.68
C ARG A 571 -6.03 24.08 6.14
N THR A 572 -4.71 24.13 6.20
CA THR A 572 -3.94 25.22 5.61
CA THR A 572 -3.97 25.23 5.61
C THR A 572 -3.93 25.07 4.09
N VAL A 573 -4.12 26.18 3.38
CA VAL A 573 -3.97 26.16 1.94
C VAL A 573 -2.48 26.05 1.64
N PRO A 574 -2.03 24.96 1.01
CA PRO A 574 -0.59 24.75 0.84
C PRO A 574 0.03 25.69 -0.18
N PHE A 575 1.29 26.05 0.08
CA PHE A 575 2.12 26.85 -0.84
C PHE A 575 1.54 28.25 -1.07
N THR A 576 0.87 28.78 -0.06
CA THR A 576 0.57 30.21 0.03
C THR A 576 1.48 30.94 1.01
N LYS A 577 1.95 30.20 2.02
CA LYS A 577 2.88 30.71 3.03
C LYS A 577 4.20 31.15 2.39
N ALA A 578 4.80 32.19 2.98
CA ALA A 578 6.14 32.62 2.56
C ALA A 578 7.14 31.49 2.77
N TYR A 579 8.05 31.33 1.82
CA TYR A 579 8.96 30.19 1.78
C TYR A 579 10.40 30.65 1.78
N SER A 580 11.23 30.00 2.61
CA SER A 580 12.67 30.24 2.60
C SER A 580 13.37 29.08 3.28
N GLN A 581 14.65 28.91 2.94
CA GLN A 581 15.49 27.87 3.51
C GLN A 581 16.63 28.43 4.34
N VAL A 582 16.91 29.73 4.23
CA VAL A 582 17.80 30.45 5.13
C VAL A 582 17.07 31.72 5.54
N GLY A 583 17.55 32.35 6.60
CA GLY A 583 16.84 33.48 7.15
C GLY A 583 15.64 33.03 7.96
N ILE A 584 14.86 34.02 8.38
CA ILE A 584 13.71 33.77 9.26
C ILE A 584 12.38 34.11 8.61
N LYS A 585 12.36 34.71 7.42
CA LYS A 585 11.13 35.22 6.85
C LYS A 585 10.33 34.18 6.09
N GLY A 586 10.79 32.94 6.03
CA GLY A 586 10.07 31.88 5.37
C GLY A 586 10.05 30.60 6.19
N ASP A 587 10.45 30.72 7.44
CA ASP A 587 10.49 29.65 8.44
C ASP A 587 9.10 29.05 8.67
N PRO A 588 8.98 27.88 9.31
CA PRO A 588 7.66 27.22 9.43
C PRO A 588 6.59 28.02 10.16
N PHE A 589 6.97 28.88 11.10
CA PHE A 589 5.98 29.63 11.85
C PHE A 589 5.72 31.01 11.27
N ILE A 590 6.01 31.23 9.99
CA ILE A 590 5.72 32.49 9.34
C ILE A 590 4.30 32.42 8.80
N PHE A 591 3.45 33.36 9.23
CA PHE A 591 2.04 33.30 8.89
C PHE A 591 1.59 34.32 7.85
N LYS A 592 2.42 35.30 7.52
CA LYS A 592 2.07 36.24 6.46
C LYS A 592 1.95 35.49 5.13
N GLY A 593 0.89 35.80 4.37
CA GLY A 593 0.62 35.13 3.12
C GLY A 593 -0.11 33.81 3.23
N MET A 594 -0.01 33.12 4.36
CA MET A 594 -0.68 31.83 4.52
C MET A 594 -2.19 32.01 4.53
N GLU A 595 -2.88 31.10 3.84
CA GLU A 595 -4.33 31.08 3.79
C GLU A 595 -4.85 29.80 4.44
N LEU A 596 -6.07 29.89 4.99
CA LEU A 596 -6.74 28.74 5.56
C LEU A 596 -8.04 28.47 4.80
N GLN A 597 -8.53 27.24 4.93
CA GLN A 597 -9.80 26.84 4.33
C GLN A 597 -10.57 26.00 5.33
N ASN A 598 -11.83 25.72 5.00
CA ASN A 598 -12.70 25.03 5.95
C ASN A 598 -12.55 23.52 5.88
N ASP A 599 -12.26 22.98 4.70
CA ASP A 599 -12.18 21.53 4.51
C ASP A 599 -10.74 21.06 4.64
N ILE A 600 -10.59 19.81 5.06
CA ILE A 600 -9.28 19.18 5.12
C ILE A 600 -8.70 19.07 3.71
N VAL A 601 -7.44 19.44 3.57
CA VAL A 601 -6.75 19.29 2.29
C VAL A 601 -6.49 17.82 2.02
N THR A 602 -6.96 17.33 0.88
CA THR A 602 -6.75 15.94 0.52
C THR A 602 -5.37 15.73 -0.09
N THR A 603 -4.92 14.48 -0.06
CA THR A 603 -3.58 14.15 -0.58
C THR A 603 -3.47 14.44 -2.06
N LYS A 604 -4.53 14.20 -2.83
CA LYS A 604 -4.49 14.48 -4.25
C LYS A 604 -4.41 15.99 -4.52
N GLU A 605 -5.19 16.78 -3.79
CA GLU A 605 -5.14 18.23 -3.96
C GLU A 605 -3.79 18.79 -3.53
N TYR A 606 -3.21 18.23 -2.47
CA TYR A 606 -1.90 18.69 -2.02
C TYR A 606 -0.82 18.34 -3.03
N ASP A 607 -0.89 17.14 -3.62
CA ASP A 607 0.13 16.74 -4.57
C ASP A 607 -0.01 17.49 -5.90
N ALA A 608 -1.22 17.79 -6.32
CA ALA A 608 -1.39 18.63 -7.50
C ALA A 608 -0.91 20.05 -7.23
N ALA A 609 -1.14 20.57 -6.03
CA ALA A 609 -0.64 21.90 -5.67
C ALA A 609 0.89 21.92 -5.58
N PHE A 610 1.50 20.82 -5.12
CA PHE A 610 2.94 20.76 -5.01
C PHE A 610 3.60 20.75 -6.38
N LYS A 611 3.05 19.99 -7.32
CA LYS A 611 3.65 19.92 -8.66
C LYS A 611 3.51 21.26 -9.38
N LYS A 612 2.37 21.91 -9.22
CA LYS A 612 2.18 23.24 -9.80
C LYS A 612 3.10 24.26 -9.13
N TRP A 613 3.25 24.18 -7.80
CA TRP A 613 4.16 25.08 -7.11
C TRP A 613 5.61 24.85 -7.54
N GLN A 614 6.00 23.58 -7.68
CA GLN A 614 7.34 23.26 -8.15
C GLN A 614 7.60 23.88 -9.52
N LYS A 615 6.59 23.82 -10.39
CA LYS A 615 6.70 24.37 -11.77
C LYS A 615 6.79 25.90 -11.73
N GLU A 616 5.98 26.55 -10.88
CA GLU A 616 5.98 28.00 -10.78
C GLU A 616 7.24 28.50 -10.08
N LYS A 617 7.69 27.81 -9.02
CA LYS A 617 8.89 28.23 -8.32
C LYS A 617 10.11 28.23 -9.24
N LEU A 618 10.21 27.21 -10.11
CA LEU A 618 11.29 27.18 -11.10
C LEU A 618 11.23 28.41 -12.00
N GLU A 619 10.05 28.70 -12.56
CA GLU A 619 9.90 29.86 -13.45
C GLU A 619 10.12 31.17 -12.71
N SER A 620 9.61 31.27 -11.49
CA SER A 620 9.71 32.53 -10.74
C SER A 620 11.16 32.84 -10.35
N ASN A 621 11.88 31.85 -9.81
CA ASN A 621 13.28 32.07 -9.44
C ASN A 621 14.13 32.41 -10.67
N ALA A 622 13.81 31.81 -11.82
CA ALA A 622 14.59 32.08 -13.01
C ALA A 622 14.31 33.49 -13.54
N GLN A 623 13.05 33.90 -13.52
CA GLN A 623 12.72 35.28 -13.88
C GLN A 623 13.31 36.25 -12.88
N TYR A 624 13.32 35.87 -11.59
CA TYR A 624 13.93 36.73 -10.58
C TYR A 624 15.41 36.93 -10.84
N GLN A 625 16.12 35.84 -11.15
CA GLN A 625 17.56 35.91 -11.36
C GLN A 625 17.90 36.78 -12.57
N LYS A 626 17.10 36.70 -13.64
CA LYS A 626 17.31 37.58 -14.79
C LYS A 626 17.12 39.03 -14.40
N ASP A 627 16.14 39.30 -13.53
CA ASP A 627 15.85 40.65 -13.07
C ASP A 627 16.86 41.16 -12.07
N LEU A 628 17.86 40.37 -11.65
CA LEU A 628 18.85 40.95 -10.75
C LEU A 628 19.70 42.00 -11.45
N GLU A 629 19.74 41.96 -12.78
CA GLU A 629 20.51 42.93 -13.55
C GLU A 629 19.99 44.35 -13.34
N LYS A 630 18.68 44.53 -13.21
CA LYS A 630 18.14 45.88 -13.10
C LYS A 630 18.48 46.55 -11.78
N HIS A 631 18.98 45.81 -10.79
CA HIS A 631 19.37 46.38 -9.51
C HIS A 631 20.82 46.83 -9.45
N ILE A 632 21.52 46.83 -10.59
CA ILE A 632 22.90 47.31 -10.65
C ILE A 632 22.88 48.81 -10.93
N LYS A 633 23.56 49.57 -10.08
CA LYS A 633 23.83 50.99 -10.36
C LYS A 633 24.95 51.50 -9.46
#